data_3CR0
#
_entry.id   3CR0
#
_cell.length_a   69.659
_cell.length_b   69.659
_cell.length_c   157.279
_cell.angle_alpha   90.00
_cell.angle_beta   90.00
_cell.angle_gamma   90.00
#
_symmetry.space_group_name_H-M   'P 41 21 2'
#
loop_
_entity.id
_entity.type
_entity.pdbx_description
1 polymer 'Wee1-like protein kinase'
2 non-polymer 'CHLORIDE ION'
3 non-polymer 4-(2-chlorophenyl)-8-(2-hydroxyethyl)-6-methylpyrrolo[3,4-e]indole-1,3(2H,6H)-dione
4 non-polymer GLYCEROL
5 water water
#
_entity_poly.entity_id   1
_entity_poly.type   'polypeptide(L)'
_entity_poly.pdbx_seq_one_letter_code
;GAMKSRYTTEFHELEKIGSGEFGSVFKCVKRLDGCIYAIKRSKKPLAGSVDEQNALREVYAHAVLGQHSHVVRYFSAWAE
DDHMLIQNEYCNGGSLADAISENYRIMSYFKEAELKDLLLQVGRGLRYIHSMSLVHMDIKPSNIFISRTSIPNAASEEGD
EDDWASNKVMFKIGDLGHVTRISSPQVEEGDSRFLANEVLQENYTHLPKADIFALALTVVCAAGAEPLPRNGDQWHEIRQ
GRLPRIPQVLSQEFTELLKVMIHPDPERRPSAMALVKHSVLLSASRK
;
_entity_poly.pdbx_strand_id   A
#
# COMPACT_ATOMS: atom_id res chain seq x y z
N SER A 5 25.09 11.70 -16.51
CA SER A 5 24.37 11.10 -15.31
C SER A 5 24.28 9.57 -15.38
N ARG A 6 24.27 8.92 -14.21
CA ARG A 6 24.15 7.46 -14.07
C ARG A 6 22.80 6.96 -14.60
N TYR A 7 21.74 7.70 -14.34
CA TYR A 7 20.46 7.36 -14.92
C TYR A 7 20.47 7.22 -16.46
N THR A 8 21.16 8.12 -17.13
CA THR A 8 21.14 8.16 -18.55
C THR A 8 21.96 7.08 -19.13
N THR A 9 23.20 6.95 -18.61
CA THR A 9 24.15 5.98 -19.12
C THR A 9 23.79 4.54 -18.72
N GLU A 10 23.04 4.31 -17.62
CA GLU A 10 22.78 2.96 -17.09
CA GLU A 10 22.82 2.93 -17.22
C GLU A 10 21.46 2.35 -17.61
N PHE A 11 20.53 3.21 -17.99
CA PHE A 11 19.19 2.81 -18.28
C PHE A 11 18.70 3.41 -19.60
N HIS A 12 17.83 2.72 -20.29
CA HIS A 12 17.10 3.26 -21.41
C HIS A 12 15.68 3.50 -20.90
N GLU A 13 15.21 4.74 -20.87
CA GLU A 13 13.81 5.09 -20.57
C GLU A 13 12.85 4.55 -21.61
N LEU A 14 11.85 3.81 -21.15
CA LEU A 14 10.86 3.29 -22.11
C LEU A 14 9.60 4.12 -22.12
N GLU A 15 9.16 4.61 -20.97
CA GLU A 15 7.79 5.17 -20.91
C GLU A 15 7.58 5.77 -19.54
N LYS A 16 6.80 6.84 -19.47
CA LYS A 16 6.46 7.45 -18.20
C LYS A 16 5.29 6.75 -17.60
N ILE A 17 5.37 6.29 -16.35
CA ILE A 17 4.27 5.57 -15.71
C ILE A 17 3.66 6.24 -14.47
N GLY A 18 4.21 7.39 -14.09
CA GLY A 18 3.78 8.11 -12.90
C GLY A 18 4.28 9.53 -12.91
N SER A 19 3.43 10.47 -12.49
CA SER A 19 3.73 11.92 -12.40
C SER A 19 3.27 12.46 -11.03
N GLY A 20 3.90 13.51 -10.49
CA GLY A 20 3.57 13.94 -9.11
C GLY A 20 4.12 15.30 -8.74
N GLY A 23 7.53 13.79 -8.75
CA GLY A 23 8.27 14.10 -10.01
C GLY A 23 7.86 13.10 -11.11
N SER A 24 8.54 11.97 -11.21
CA SER A 24 8.16 11.00 -12.21
C SER A 24 8.75 9.64 -11.98
N VAL A 25 8.02 8.64 -12.45
CA VAL A 25 8.40 7.22 -12.38
C VAL A 25 8.42 6.86 -13.87
N PHE A 26 9.53 6.26 -14.28
CA PHE A 26 9.69 5.70 -15.60
C PHE A 26 9.95 4.20 -15.62
N LYS A 27 9.41 3.58 -16.65
CA LYS A 27 9.67 2.18 -16.93
C LYS A 27 10.94 2.21 -17.75
N CYS A 28 12.00 1.55 -17.28
CA CYS A 28 13.33 1.63 -17.93
C CYS A 28 13.96 0.27 -18.03
N VAL A 29 14.80 0.07 -19.05
CA VAL A 29 15.59 -1.15 -19.19
C VAL A 29 17.02 -0.81 -18.83
N LYS A 30 17.57 -1.51 -17.83
CA LYS A 30 18.97 -1.30 -17.47
C LYS A 30 19.78 -1.93 -18.59
N ARG A 31 20.72 -1.21 -19.19
CA ARG A 31 21.33 -1.70 -20.39
C ARG A 31 22.21 -2.91 -20.18
N LEU A 32 22.87 -2.97 -19.04
CA LEU A 32 23.76 -4.07 -18.73
C LEU A 32 23.03 -5.44 -18.46
N ASP A 33 21.91 -5.44 -17.70
CA ASP A 33 21.34 -6.71 -17.30
C ASP A 33 20.10 -7.11 -18.14
N GLY A 34 19.71 -6.21 -19.08
CA GLY A 34 18.61 -6.39 -19.93
C GLY A 34 17.28 -6.28 -19.24
N CYS A 35 17.25 -5.72 -18.05
CA CYS A 35 16.00 -5.95 -17.33
C CYS A 35 15.16 -4.66 -17.08
N ILE A 36 13.84 -4.79 -16.90
CA ILE A 36 12.95 -3.66 -16.73
C ILE A 36 12.70 -3.31 -15.28
N TYR A 37 12.76 -2.02 -14.96
CA TYR A 37 12.69 -1.61 -13.58
C TYR A 37 11.80 -0.43 -13.48
N ALA A 38 11.23 -0.16 -12.30
CA ALA A 38 10.45 1.10 -12.21
C ALA A 38 11.42 2.08 -11.48
N ILE A 39 11.64 3.26 -12.05
CA ILE A 39 12.59 4.19 -11.52
C ILE A 39 11.97 5.55 -11.20
N LYS A 40 12.01 5.94 -9.92
CA LYS A 40 11.34 7.15 -9.50
C LYS A 40 12.32 8.30 -9.23
N ARG A 41 12.12 9.43 -9.91
CA ARG A 41 13.00 10.60 -9.89
C ARG A 41 12.33 11.76 -9.14
N SER A 42 12.95 12.22 -8.05
CA SER A 42 12.40 13.37 -7.34
C SER A 42 13.40 14.49 -7.12
N LYS A 43 12.87 15.68 -6.80
CA LYS A 43 13.76 16.86 -6.59
C LYS A 43 14.56 16.56 -5.30
N LYS A 44 15.90 16.72 -5.31
CA LYS A 44 16.66 16.33 -4.11
C LYS A 44 16.41 17.39 -3.00
N PRO A 45 15.86 16.99 -1.81
CA PRO A 45 15.59 18.00 -0.77
C PRO A 45 16.87 18.62 -0.25
N LEU A 46 16.73 19.75 0.44
CA LEU A 46 17.88 20.45 1.04
C LEU A 46 18.55 19.51 2.02
N ALA A 47 19.89 19.51 2.07
CA ALA A 47 20.60 18.54 2.95
C ALA A 47 20.34 18.86 4.43
N GLY A 48 19.91 17.88 5.22
CA GLY A 48 19.62 18.08 6.65
C GLY A 48 18.24 18.61 6.97
N SER A 49 17.38 18.74 5.97
CA SER A 49 16.01 19.17 6.21
C SER A 49 15.16 17.99 6.66
N VAL A 50 14.05 18.33 7.30
CA VAL A 50 12.99 17.42 7.65
C VAL A 50 12.47 16.71 6.38
N ASP A 51 12.51 17.36 5.23
CA ASP A 51 12.00 16.68 4.03
C ASP A 51 13.02 15.66 3.60
N GLU A 52 14.30 15.98 3.79
CA GLU A 52 15.34 14.98 3.47
C GLU A 52 15.29 13.73 4.33
N GLN A 53 15.08 13.91 5.63
CA GLN A 53 14.85 12.82 6.55
C GLN A 53 13.69 11.94 6.14
N ASN A 54 12.58 12.54 5.76
CA ASN A 54 11.46 11.77 5.22
C ASN A 54 11.79 11.04 3.92
N ALA A 55 12.52 11.71 3.05
CA ALA A 55 12.99 11.14 1.80
C ALA A 55 13.93 9.93 2.03
N LEU A 56 14.83 10.05 3.00
CA LEU A 56 15.76 8.97 3.33
C LEU A 56 15.12 7.75 4.07
N ARG A 57 14.05 7.95 4.88
CA ARG A 57 13.34 6.83 5.48
C ARG A 57 12.77 5.89 4.45
N GLU A 58 12.35 6.43 3.29
CA GLU A 58 11.74 5.57 2.27
C GLU A 58 12.81 4.56 1.75
N VAL A 59 14.00 5.09 1.50
CA VAL A 59 15.20 4.36 1.12
C VAL A 59 15.67 3.36 2.18
N TYR A 60 15.74 3.79 3.43
CA TYR A 60 16.04 2.89 4.54
C TYR A 60 14.99 1.79 4.70
N ALA A 61 13.71 2.15 4.55
CA ALA A 61 12.63 1.18 4.58
C ALA A 61 12.79 0.16 3.45
N HIS A 62 12.89 0.64 2.21
CA HIS A 62 13.13 -0.23 1.05
C HIS A 62 14.22 -1.22 1.23
N ALA A 63 15.30 -0.81 1.88
CA ALA A 63 16.47 -1.61 2.02
C ALA A 63 16.49 -2.68 3.17
N VAL A 64 15.59 -2.60 4.16
CA VAL A 64 15.34 -3.72 5.07
C VAL A 64 14.11 -4.51 4.61
N LEU A 65 13.36 -3.99 3.65
CA LEU A 65 12.13 -4.66 3.26
C LEU A 65 12.28 -5.28 1.86
N GLY A 66 13.46 -5.92 1.59
CA GLY A 66 13.80 -6.53 0.27
C GLY A 66 13.78 -8.06 0.16
N GLN A 67 13.30 -8.74 1.19
CA GLN A 67 13.18 -10.17 1.07
C GLN A 67 11.73 -10.64 0.85
N HIS A 68 10.78 -9.76 0.56
CA HIS A 68 9.40 -10.26 0.67
C HIS A 68 8.66 -10.32 -0.64
N SER A 69 8.03 -11.47 -0.78
CA SER A 69 7.17 -11.82 -1.85
C SER A 69 6.08 -10.69 -2.18
N HIS A 70 5.60 -9.98 -1.15
CA HIS A 70 4.50 -9.06 -1.31
C HIS A 70 4.86 -7.64 -0.92
N VAL A 71 6.15 -7.34 -1.02
CA VAL A 71 6.61 -5.99 -0.97
C VAL A 71 7.42 -5.89 -2.23
N VAL A 72 7.13 -4.83 -3.00
CA VAL A 72 7.98 -4.43 -4.14
C VAL A 72 9.51 -4.40 -3.76
N ARG A 73 10.32 -5.18 -4.46
CA ARG A 73 11.80 -5.24 -4.25
CA ARG A 73 11.80 -5.27 -4.32
C ARG A 73 12.45 -3.96 -4.72
N TYR A 74 13.53 -3.62 -4.06
CA TYR A 74 14.36 -2.46 -4.27
C TYR A 74 15.72 -2.93 -4.83
N PHE A 75 16.28 -2.21 -5.83
CA PHE A 75 17.62 -2.52 -6.28
C PHE A 75 18.63 -1.50 -5.90
N SER A 76 18.28 -0.22 -6.05
CA SER A 76 19.25 0.84 -5.81
C SER A 76 18.59 2.18 -5.62
N ALA A 77 19.37 3.10 -5.05
CA ALA A 77 18.96 4.49 -4.90
C ALA A 77 20.21 5.28 -4.97
N TRP A 78 20.12 6.46 -5.56
CA TRP A 78 21.32 7.38 -5.65
C TRP A 78 20.88 8.83 -5.90
N ALA A 79 21.83 9.75 -5.95
CA ALA A 79 21.48 11.22 -6.03
C ALA A 79 22.18 11.85 -7.20
N ASP A 82 20.81 17.58 -8.66
CA ASP A 82 19.67 17.98 -7.82
C ASP A 82 18.47 17.01 -7.88
N HIS A 83 18.72 15.74 -8.25
CA HIS A 83 17.69 14.70 -8.04
C HIS A 83 18.14 13.53 -7.19
N MET A 84 17.17 12.98 -6.41
CA MET A 84 17.15 11.56 -5.89
C MET A 84 16.41 10.56 -6.78
N LEU A 85 17.05 9.41 -6.98
CA LEU A 85 16.42 8.33 -7.73
C LEU A 85 16.30 7.03 -6.95
N ILE A 86 15.15 6.38 -7.04
CA ILE A 86 15.00 4.99 -6.61
C ILE A 86 14.52 3.97 -7.70
N GLN A 87 15.29 2.91 -7.80
CA GLN A 87 15.13 1.89 -8.81
C GLN A 87 14.57 0.69 -8.11
N ASN A 88 13.31 0.40 -8.43
CA ASN A 88 12.58 -0.71 -7.89
C ASN A 88 12.18 -1.74 -8.93
N GLU A 89 11.70 -2.86 -8.42
CA GLU A 89 11.06 -3.88 -9.24
C GLU A 89 9.89 -3.32 -10.06
N TYR A 90 9.87 -3.62 -11.37
CA TYR A 90 8.79 -3.22 -12.25
C TYR A 90 7.66 -4.29 -12.18
N CYS A 91 6.44 -3.85 -11.84
CA CYS A 91 5.31 -4.77 -11.75
C CYS A 91 4.50 -4.54 -13.01
N ASN A 92 4.43 -5.59 -13.80
CA ASN A 92 3.85 -5.68 -15.15
C ASN A 92 2.34 -5.51 -15.14
N GLY A 93 1.69 -5.82 -14.02
CA GLY A 93 0.22 -5.80 -14.06
C GLY A 93 -0.40 -4.45 -13.68
N GLY A 94 0.37 -3.39 -13.47
CA GLY A 94 -0.30 -2.07 -13.14
C GLY A 94 -0.62 -1.93 -11.63
N SER A 95 -1.35 -0.89 -11.23
CA SER A 95 -1.78 -0.78 -9.83
C SER A 95 -3.17 -1.40 -9.60
N LEU A 96 -3.46 -1.70 -8.34
CA LEU A 96 -4.83 -2.13 -8.01
C LEU A 96 -5.90 -1.04 -8.26
N ALA A 97 -5.51 0.21 -8.07
CA ALA A 97 -6.34 1.32 -8.46
C ALA A 97 -6.76 1.27 -9.91
N ASP A 98 -5.86 0.98 -10.85
CA ASP A 98 -6.29 0.93 -12.24
C ASP A 98 -7.17 -0.30 -12.54
N ALA A 99 -6.88 -1.44 -11.91
CA ALA A 99 -7.72 -2.62 -12.04
C ALA A 99 -9.13 -2.31 -11.55
N ILE A 100 -9.23 -1.65 -10.39
CA ILE A 100 -10.46 -1.21 -9.79
C ILE A 100 -11.19 -0.14 -10.65
N SER A 101 -10.48 0.83 -11.29
CA SER A 101 -11.21 1.68 -12.28
C SER A 101 -11.72 0.90 -13.50
N GLU A 102 -10.91 -0.03 -14.06
CA GLU A 102 -11.41 -0.75 -15.22
C GLU A 102 -12.70 -1.54 -14.86
N ASN A 103 -12.68 -2.25 -13.72
CA ASN A 103 -13.86 -2.96 -13.13
C ASN A 103 -15.12 -2.15 -12.91
N TYR A 104 -14.92 -0.93 -12.33
CA TYR A 104 -15.97 0.03 -12.14
C TYR A 104 -16.80 0.29 -13.40
N ARG A 105 -16.12 0.45 -14.52
CA ARG A 105 -16.74 0.92 -15.71
C ARG A 105 -17.45 -0.27 -16.39
N ILE A 106 -16.87 -1.46 -16.23
CA ILE A 106 -17.46 -2.71 -16.81
C ILE A 106 -18.49 -3.41 -15.92
N MET A 107 -18.68 -2.92 -14.68
CA MET A 107 -19.67 -3.49 -13.72
C MET A 107 -19.38 -5.00 -13.31
N SER A 108 -18.11 -5.32 -13.34
CA SER A 108 -17.62 -6.64 -12.94
C SER A 108 -16.42 -6.46 -11.97
N TYR A 109 -16.63 -6.69 -10.70
CA TYR A 109 -15.65 -6.39 -9.68
C TYR A 109 -14.79 -7.62 -9.25
N PHE A 110 -13.94 -7.51 -8.24
CA PHE A 110 -13.30 -8.75 -7.68
C PHE A 110 -14.32 -9.61 -6.93
N LYS A 111 -14.42 -10.88 -7.26
CA LYS A 111 -15.30 -11.77 -6.56
C LYS A 111 -14.71 -12.19 -5.20
N GLU A 112 -15.52 -12.85 -4.35
CA GLU A 112 -15.16 -13.09 -2.98
C GLU A 112 -13.87 -13.87 -2.89
N ALA A 113 -13.70 -14.90 -3.72
CA ALA A 113 -12.49 -15.70 -3.73
C ALA A 113 -11.23 -14.86 -4.09
N GLU A 114 -11.41 -13.85 -4.95
CA GLU A 114 -10.32 -12.92 -5.25
C GLU A 114 -10.06 -11.80 -4.23
N LEU A 115 -11.15 -11.34 -3.57
CA LEU A 115 -11.02 -10.42 -2.44
C LEU A 115 -10.26 -11.01 -1.23
N LYS A 116 -10.51 -12.30 -0.94
CA LYS A 116 -9.81 -13.08 0.07
C LYS A 116 -8.29 -13.23 -0.20
N ASP A 117 -7.97 -13.49 -1.47
CA ASP A 117 -6.63 -13.66 -1.97
C ASP A 117 -5.84 -12.34 -1.96
N LEU A 118 -6.48 -11.25 -2.41
CA LEU A 118 -5.94 -9.93 -2.22
C LEU A 118 -5.66 -9.65 -0.73
N LEU A 119 -6.64 -9.97 0.12
CA LEU A 119 -6.61 -9.59 1.54
C LEU A 119 -5.44 -10.31 2.24
N LEU A 120 -5.37 -11.60 2.00
CA LEU A 120 -4.38 -12.52 2.49
C LEU A 120 -2.97 -12.16 2.00
N GLN A 121 -2.80 -11.93 0.71
CA GLN A 121 -1.47 -11.49 0.15
C GLN A 121 -0.94 -10.22 0.76
N VAL A 122 -1.71 -9.14 0.70
CA VAL A 122 -1.34 -7.85 1.33
C VAL A 122 -1.11 -7.95 2.83
N GLY A 123 -1.93 -8.79 3.47
CA GLY A 123 -1.86 -9.10 4.88
C GLY A 123 -0.56 -9.76 5.22
N ARG A 124 -0.08 -10.70 4.39
CA ARG A 124 1.30 -11.25 4.53
C ARG A 124 2.41 -10.18 4.35
N GLY A 125 2.34 -9.35 3.32
CA GLY A 125 3.13 -8.14 3.25
C GLY A 125 3.15 -7.31 4.54
N LEU A 126 2.00 -6.96 5.10
CA LEU A 126 1.95 -6.15 6.34
C LEU A 126 2.51 -6.84 7.56
N ARG A 127 2.31 -8.16 7.63
CA ARG A 127 2.89 -9.00 8.66
C ARG A 127 4.41 -8.92 8.64
N TYR A 128 4.99 -9.07 7.45
CA TYR A 128 6.41 -8.90 7.22
C TYR A 128 6.90 -7.46 7.64
N ILE A 129 6.27 -6.42 7.13
CA ILE A 129 6.60 -5.06 7.49
C ILE A 129 6.50 -4.87 8.96
N HIS A 130 5.42 -5.36 9.59
CA HIS A 130 5.19 -5.13 11.03
C HIS A 130 6.20 -5.89 11.88
N SER A 131 6.72 -7.01 11.37
CA SER A 131 7.58 -7.80 12.22
C SER A 131 8.96 -7.14 12.15
N MET A 132 9.16 -6.25 11.17
CA MET A 132 10.35 -5.41 11.12
C MET A 132 10.23 -4.18 12.06
N SER A 133 9.17 -4.15 12.89
CA SER A 133 8.92 -3.05 13.80
C SER A 133 8.68 -1.75 13.01
N LEU A 134 8.12 -1.92 11.83
CA LEU A 134 7.82 -0.79 10.94
C LEU A 134 6.33 -0.72 10.64
N VAL A 135 5.87 0.42 10.15
CA VAL A 135 4.47 0.55 9.67
C VAL A 135 4.47 1.26 8.35
N HIS A 136 3.47 1.00 7.53
CA HIS A 136 3.45 1.52 6.18
C HIS A 136 2.82 2.93 6.08
N MET A 137 1.64 3.10 6.71
CA MET A 137 0.93 4.40 6.84
C MET A 137 0.31 5.05 5.62
N ASP A 138 0.37 4.39 4.47
CA ASP A 138 -0.38 4.82 3.32
C ASP A 138 -0.88 3.60 2.46
N ILE A 139 -1.53 2.63 3.12
CA ILE A 139 -2.09 1.53 2.37
C ILE A 139 -3.38 2.01 1.61
N LYS A 140 -3.40 1.85 0.28
CA LYS A 140 -4.52 2.25 -0.58
C LYS A 140 -4.23 1.54 -1.89
N PRO A 141 -5.25 1.51 -2.75
CA PRO A 141 -5.10 0.70 -3.98
C PRO A 141 -3.99 1.21 -4.95
N SER A 142 -3.70 2.52 -5.01
CA SER A 142 -2.69 3.05 -5.89
C SER A 142 -1.26 2.68 -5.42
N ASN A 143 -1.11 2.26 -4.13
CA ASN A 143 0.13 1.78 -3.66
C ASN A 143 0.22 0.26 -3.53
N ILE A 144 -0.72 -0.50 -4.09
CA ILE A 144 -0.60 -1.95 -4.28
C ILE A 144 -0.37 -2.22 -5.78
N PHE A 145 0.65 -2.97 -6.11
CA PHE A 145 1.00 -3.24 -7.51
C PHE A 145 0.78 -4.70 -7.86
N ILE A 146 0.48 -4.98 -9.14
CA ILE A 146 0.18 -6.34 -9.62
C ILE A 146 1.30 -6.92 -10.56
N SER A 147 1.79 -8.12 -10.28
CA SER A 147 2.60 -8.94 -11.20
C SER A 147 2.20 -10.40 -11.14
N LYS A 168 -1.63 -17.18 -11.67
CA LYS A 168 -1.61 -16.55 -10.33
C LYS A 168 -1.18 -15.05 -10.32
N VAL A 169 -2.09 -14.14 -10.05
CA VAL A 169 -1.62 -12.77 -9.84
C VAL A 169 -0.93 -12.62 -8.48
N MET A 170 0.07 -11.75 -8.41
CA MET A 170 0.76 -11.39 -7.12
C MET A 170 0.39 -9.96 -6.76
N PHE A 171 0.00 -9.72 -5.54
CA PHE A 171 -0.09 -8.37 -5.05
C PHE A 171 1.14 -8.00 -4.18
N LYS A 172 1.67 -6.80 -4.44
CA LYS A 172 2.85 -6.31 -3.66
C LYS A 172 2.66 -4.90 -3.12
N ILE A 173 2.81 -4.70 -1.82
CA ILE A 173 2.92 -3.35 -1.30
C ILE A 173 4.12 -2.50 -1.93
N GLY A 174 3.82 -1.29 -2.40
CA GLY A 174 4.87 -0.40 -2.83
C GLY A 174 4.66 0.94 -2.18
N ASP A 175 5.43 1.91 -2.66
CA ASP A 175 5.38 3.31 -2.12
C ASP A 175 5.57 3.39 -0.62
N LEU A 176 6.83 3.27 -0.24
CA LEU A 176 7.26 3.25 1.17
C LEU A 176 7.51 4.67 1.73
N GLY A 177 6.95 5.70 1.10
CA GLY A 177 7.09 7.13 1.50
C GLY A 177 6.45 7.52 2.86
N HIS A 178 5.61 6.71 3.50
CA HIS A 178 5.14 7.15 4.80
C HIS A 178 5.65 6.15 5.86
N VAL A 179 6.50 5.26 5.44
CA VAL A 179 6.85 4.13 6.34
C VAL A 179 7.52 4.74 7.55
N THR A 180 7.11 4.24 8.72
CA THR A 180 7.79 4.68 9.92
C THR A 180 8.02 3.49 10.88
N ARG A 181 8.96 3.63 11.83
CA ARG A 181 9.00 2.76 13.04
C ARG A 181 7.68 2.74 13.81
N ILE A 182 7.36 1.59 14.38
CA ILE A 182 6.09 1.35 15.03
C ILE A 182 5.79 2.21 16.32
N SER A 183 6.80 2.50 17.13
CA SER A 183 6.58 3.35 18.29
C SER A 183 6.92 4.80 18.05
N SER A 184 6.91 5.26 16.81
CA SER A 184 7.28 6.64 16.42
C SER A 184 6.30 7.69 17.03
N PRO A 185 6.83 8.78 17.61
CA PRO A 185 6.04 9.78 18.36
C PRO A 185 5.44 10.79 17.43
N GLN A 186 6.00 10.92 16.24
CA GLN A 186 5.49 11.74 15.16
C GLN A 186 5.23 10.88 13.94
N VAL A 187 4.12 11.20 13.28
CA VAL A 187 3.73 10.45 12.12
C VAL A 187 3.33 11.35 10.91
N GLU A 188 3.77 11.05 9.70
CA GLU A 188 3.14 11.64 8.49
C GLU A 188 1.87 10.80 8.09
N GLU A 189 0.67 11.37 8.27
CA GLU A 189 -0.59 10.70 7.95
C GLU A 189 -0.69 10.42 6.44
N GLY A 190 -1.18 9.22 6.11
CA GLY A 190 -1.46 8.80 4.74
C GLY A 190 -2.79 9.42 4.23
N ASP A 191 -3.16 9.03 3.02
CA ASP A 191 -4.40 9.45 2.35
C ASP A 191 -5.60 9.46 3.26
N SER A 192 -6.35 10.53 3.24
CA SER A 192 -7.49 10.61 4.18
C SER A 192 -8.73 9.68 3.92
N ARG A 193 -8.83 9.12 2.69
CA ARG A 193 -9.85 8.15 2.31
C ARG A 193 -9.71 6.90 3.12
N PHE A 194 -8.46 6.68 3.58
CA PHE A 194 -8.05 5.36 4.13
C PHE A 194 -7.55 5.52 5.57
N LEU A 195 -7.62 6.72 6.09
CA LEU A 195 -7.05 7.07 7.40
C LEU A 195 -7.96 6.73 8.62
N ALA A 196 -7.34 6.05 9.60
CA ALA A 196 -8.02 5.74 10.85
C ALA A 196 -8.24 6.99 11.67
N ASN A 197 -9.40 7.09 12.30
CA ASN A 197 -9.65 8.19 13.17
C ASN A 197 -8.63 8.43 14.27
N GLU A 198 -8.16 7.37 14.94
CA GLU A 198 -7.16 7.55 15.99
C GLU A 198 -5.87 8.16 15.48
N VAL A 199 -5.50 7.91 14.22
CA VAL A 199 -4.26 8.53 13.66
C VAL A 199 -4.47 10.05 13.47
N LEU A 200 -5.61 10.43 12.87
CA LEU A 200 -6.05 11.79 12.80
C LEU A 200 -6.13 12.50 14.20
N GLN A 201 -6.52 11.76 15.24
CA GLN A 201 -6.60 12.26 16.65
C GLN A 201 -5.22 12.30 17.35
N GLU A 202 -4.19 12.05 16.55
CA GLU A 202 -2.80 11.94 16.97
C GLU A 202 -2.52 10.88 18.01
N ASN A 203 -3.14 9.74 17.86
CA ASN A 203 -2.95 8.71 18.82
C ASN A 203 -2.24 7.49 18.20
N TYR A 204 -0.98 7.31 18.56
CA TYR A 204 -0.12 6.35 17.87
C TYR A 204 0.25 5.13 18.72
N THR A 205 -0.62 4.84 19.69
CA THR A 205 -0.45 3.65 20.53
C THR A 205 -0.54 2.36 19.73
N HIS A 206 -1.36 2.31 18.68
CA HIS A 206 -1.64 1.07 17.94
C HIS A 206 -1.46 1.27 16.42
N LEU A 207 -0.29 1.75 15.97
CA LEU A 207 -0.06 2.12 14.55
C LEU A 207 -0.23 1.00 13.57
N PRO A 208 0.14 -0.25 14.01
CA PRO A 208 -0.08 -1.35 13.13
C PRO A 208 -1.51 -1.50 12.65
N LYS A 209 -2.48 -1.17 13.50
CA LYS A 209 -3.89 -1.33 13.19
C LYS A 209 -4.48 -0.22 12.26
N ALA A 210 -3.74 0.87 12.06
CA ALA A 210 -3.99 1.80 10.99
C ALA A 210 -3.78 1.15 9.60
N ASP A 211 -2.72 0.37 9.44
CA ASP A 211 -2.52 -0.38 8.21
C ASP A 211 -3.67 -1.38 7.99
N ILE A 212 -4.13 -1.99 9.08
CA ILE A 212 -5.24 -2.95 9.05
C ILE A 212 -6.55 -2.32 8.58
N PHE A 213 -6.83 -1.12 9.08
CA PHE A 213 -8.01 -0.36 8.79
C PHE A 213 -7.98 0.04 7.24
N ALA A 214 -6.79 0.32 6.72
CA ALA A 214 -6.60 0.83 5.32
C ALA A 214 -6.67 -0.32 4.31
N LEU A 215 -6.14 -1.47 4.74
CA LEU A 215 -6.29 -2.71 4.01
C LEU A 215 -7.78 -3.14 3.77
N ALA A 216 -8.60 -2.99 4.82
CA ALA A 216 -10.02 -3.29 4.75
C ALA A 216 -10.74 -2.38 3.78
N LEU A 217 -10.51 -1.07 3.88
CA LEU A 217 -11.10 -0.11 2.98
C LEU A 217 -10.61 -0.34 1.52
N THR A 218 -9.35 -0.81 1.36
CA THR A 218 -8.76 -1.20 0.06
C THR A 218 -9.51 -2.37 -0.56
N VAL A 219 -9.70 -3.42 0.23
CA VAL A 219 -10.56 -4.55 -0.13
C VAL A 219 -12.04 -4.16 -0.51
N VAL A 220 -12.66 -3.20 0.19
CA VAL A 220 -14.01 -2.69 -0.09
C VAL A 220 -14.04 -1.98 -1.46
N CYS A 221 -13.03 -1.14 -1.71
CA CYS A 221 -12.83 -0.53 -3.05
C CYS A 221 -12.81 -1.54 -4.17
N ALA A 222 -12.00 -2.60 -3.97
CA ALA A 222 -11.86 -3.76 -4.88
C ALA A 222 -13.17 -4.58 -5.10
N ALA A 223 -14.00 -4.62 -4.05
CA ALA A 223 -15.34 -5.28 -4.07
C ALA A 223 -16.40 -4.54 -4.90
N GLY A 224 -16.12 -3.33 -5.30
CA GLY A 224 -16.98 -2.66 -6.19
C GLY A 224 -17.53 -1.34 -5.68
N ALA A 225 -17.17 -0.97 -4.44
CA ALA A 225 -17.71 0.24 -3.76
C ALA A 225 -17.55 1.50 -4.59
N GLU A 226 -18.41 2.49 -4.32
CA GLU A 226 -18.21 3.89 -4.72
C GLU A 226 -16.92 4.47 -4.15
N PRO A 227 -16.27 5.41 -4.90
CA PRO A 227 -15.09 6.17 -4.37
C PRO A 227 -15.33 6.58 -2.92
N LEU A 228 -14.36 6.29 -2.05
CA LEU A 228 -14.43 6.60 -0.65
C LEU A 228 -14.39 8.09 -0.42
N PRO A 229 -15.11 8.60 0.65
CA PRO A 229 -15.17 10.04 0.95
C PRO A 229 -13.87 10.50 1.62
N ARG A 230 -13.54 11.78 1.49
CA ARG A 230 -12.26 12.23 2.07
C ARG A 230 -12.42 12.99 3.36
N ASN A 231 -13.63 13.50 3.58
CA ASN A 231 -14.07 14.12 4.82
C ASN A 231 -15.61 14.10 4.86
N GLY A 232 -16.20 14.91 5.73
CA GLY A 232 -17.66 15.00 5.78
C GLY A 232 -18.32 13.86 6.51
N ASP A 233 -19.64 13.86 6.51
CA ASP A 233 -20.43 12.89 7.28
C ASP A 233 -20.21 11.42 6.87
N GLN A 234 -20.02 11.15 5.58
CA GLN A 234 -19.81 9.76 5.17
C GLN A 234 -18.42 9.23 5.69
N TRP A 235 -17.42 10.11 5.68
CA TRP A 235 -16.12 9.83 6.24
C TRP A 235 -16.23 9.38 7.71
N HIS A 236 -16.84 10.21 8.54
CA HIS A 236 -17.09 9.86 9.93
C HIS A 236 -17.87 8.60 10.17
N GLU A 237 -18.89 8.35 9.37
CA GLU A 237 -19.71 7.15 9.56
C GLU A 237 -18.93 5.83 9.40
N ILE A 238 -18.00 5.80 8.43
CA ILE A 238 -17.12 4.68 8.25
C ILE A 238 -16.24 4.52 9.47
N ARG A 239 -15.79 5.65 10.05
CA ARG A 239 -14.91 5.62 11.21
C ARG A 239 -15.62 5.17 12.51
N GLN A 240 -16.95 5.24 12.51
CA GLN A 240 -17.80 4.56 13.47
C GLN A 240 -17.81 3.02 13.28
N GLY A 241 -17.17 2.50 12.23
CA GLY A 241 -17.08 1.04 12.04
C GLY A 241 -18.09 0.44 11.06
N ARG A 242 -18.77 1.26 10.28
CA ARG A 242 -19.71 0.79 9.27
C ARG A 242 -19.17 0.71 7.84
N LEU A 243 -19.22 -0.50 7.26
CA LEU A 243 -18.79 -0.72 5.90
C LEU A 243 -19.58 0.12 4.92
N PRO A 244 -18.89 0.69 3.91
CA PRO A 244 -19.57 1.29 2.75
C PRO A 244 -20.39 0.25 1.97
N ARG A 245 -21.41 0.71 1.25
CA ARG A 245 -22.14 -0.21 0.39
C ARG A 245 -21.22 -1.01 -0.55
N ILE A 246 -21.43 -2.33 -0.64
CA ILE A 246 -20.67 -3.20 -1.54
C ILE A 246 -21.66 -3.79 -2.53
N PRO A 247 -21.48 -3.52 -3.83
CA PRO A 247 -22.51 -3.91 -4.81
C PRO A 247 -22.44 -5.41 -5.22
N GLN A 248 -22.29 -6.31 -4.26
CA GLN A 248 -22.22 -7.75 -4.52
C GLN A 248 -22.36 -8.51 -3.18
N VAL A 249 -22.90 -9.74 -3.22
CA VAL A 249 -23.20 -10.54 -2.01
C VAL A 249 -21.93 -11.21 -1.53
N LEU A 250 -21.48 -10.93 -0.29
CA LEU A 250 -20.34 -11.63 0.27
C LEU A 250 -20.84 -12.53 1.40
N SER A 251 -20.15 -13.64 1.73
CA SER A 251 -20.50 -14.41 2.93
C SER A 251 -20.51 -13.48 4.19
N GLN A 252 -21.38 -13.77 5.15
CA GLN A 252 -21.38 -13.07 6.44
C GLN A 252 -20.05 -13.18 7.18
N GLU A 253 -19.38 -14.33 7.09
CA GLU A 253 -18.08 -14.53 7.76
C GLU A 253 -17.12 -13.45 7.26
N PHE A 254 -17.07 -13.34 5.93
CA PHE A 254 -16.17 -12.40 5.22
C PHE A 254 -16.46 -10.93 5.50
N THR A 255 -17.71 -10.55 5.38
CA THR A 255 -18.19 -9.19 5.70
C THR A 255 -17.87 -8.78 7.14
N GLU A 256 -18.06 -9.73 8.04
CA GLU A 256 -17.80 -9.57 9.45
C GLU A 256 -16.31 -9.37 9.69
N LEU A 257 -15.44 -10.07 8.95
CA LEU A 257 -13.99 -9.92 9.08
C LEU A 257 -13.58 -8.51 8.58
N LEU A 258 -14.07 -8.06 7.44
CA LEU A 258 -13.90 -6.65 7.02
C LEU A 258 -14.38 -5.56 8.05
N LYS A 259 -15.45 -5.81 8.78
CA LYS A 259 -16.03 -4.85 9.70
C LYS A 259 -15.20 -4.77 10.96
N VAL A 260 -14.81 -5.93 11.47
CA VAL A 260 -13.93 -5.91 12.61
C VAL A 260 -12.59 -5.14 12.34
N MET A 261 -12.15 -5.16 11.08
CA MET A 261 -10.92 -4.54 10.62
C MET A 261 -11.03 -3.02 10.59
N ILE A 262 -12.28 -2.50 10.45
CA ILE A 262 -12.56 -1.05 10.63
C ILE A 262 -13.23 -0.64 12.01
N HIS A 263 -13.09 -1.49 13.03
CA HIS A 263 -13.62 -1.21 14.36
C HIS A 263 -13.05 0.07 14.94
N PRO A 264 -13.90 0.94 15.56
CA PRO A 264 -13.42 2.19 16.15
C PRO A 264 -12.25 1.99 17.12
N ASP A 265 -12.25 0.85 17.83
CA ASP A 265 -11.18 0.49 18.76
C ASP A 265 -10.09 -0.24 18.02
N PRO A 266 -8.92 0.40 17.83
CA PRO A 266 -7.90 -0.24 17.03
C PRO A 266 -7.51 -1.60 17.60
N GLU A 267 -7.69 -1.81 18.92
CA GLU A 267 -7.34 -3.07 19.62
C GLU A 267 -8.28 -4.24 19.28
N ARG A 268 -9.42 -3.92 18.68
CA ARG A 268 -10.37 -4.94 18.35
C ARG A 268 -10.09 -5.46 16.95
N ARG A 269 -9.37 -4.69 16.15
CA ARG A 269 -8.93 -5.09 14.82
C ARG A 269 -7.89 -6.22 14.86
N PRO A 270 -7.89 -7.13 13.85
CA PRO A 270 -6.87 -8.21 13.87
C PRO A 270 -5.44 -7.70 13.59
N SER A 271 -4.41 -8.33 14.16
CA SER A 271 -3.08 -7.94 13.86
C SER A 271 -2.86 -8.57 12.48
N ALA A 272 -1.80 -8.25 11.73
CA ALA A 272 -1.58 -8.89 10.44
C ALA A 272 -1.37 -10.43 10.57
N MET A 273 -0.74 -10.88 11.63
CA MET A 273 -0.62 -12.29 11.96
C MET A 273 -1.99 -12.94 12.20
N ALA A 274 -2.80 -12.40 13.12
CA ALA A 274 -4.15 -12.85 13.21
C ALA A 274 -4.90 -12.84 11.82
N LEU A 275 -4.94 -11.74 11.10
CA LEU A 275 -5.46 -11.77 9.70
C LEU A 275 -5.03 -13.00 8.78
N VAL A 276 -3.73 -13.15 8.55
CA VAL A 276 -3.25 -14.25 7.72
C VAL A 276 -3.59 -15.65 8.26
N LYS A 277 -3.91 -15.80 9.56
CA LYS A 277 -4.24 -17.12 10.10
C LYS A 277 -5.73 -17.30 10.32
N HIS A 278 -6.49 -16.28 9.99
CA HIS A 278 -7.92 -16.28 10.21
C HIS A 278 -8.60 -17.42 9.42
N SER A 279 -9.60 -18.05 10.00
CA SER A 279 -10.26 -19.17 9.33
C SER A 279 -10.95 -18.73 8.03
N VAL A 280 -11.52 -17.54 8.04
CA VAL A 280 -12.16 -17.01 6.85
C VAL A 280 -11.21 -17.03 5.63
N LEU A 281 -9.91 -16.85 5.88
CA LEU A 281 -8.92 -16.89 4.83
C LEU A 281 -8.25 -18.28 4.55
N LEU A 282 -8.54 -19.30 5.36
CA LEU A 282 -7.93 -20.63 5.15
C LEU A 282 -8.09 -21.20 3.71
N SER A 283 -9.30 -21.09 3.14
CA SER A 283 -9.58 -21.49 1.77
C SER A 283 -8.78 -20.74 0.66
N ALA A 284 -8.11 -19.64 1.05
CA ALA A 284 -7.22 -18.87 0.15
C ALA A 284 -5.75 -19.29 0.33
N SER A 285 -5.45 -19.90 1.48
CA SER A 285 -4.08 -20.29 1.89
C SER A 285 -3.78 -21.66 1.32
#